data_2GZB
#
_entry.id   2GZB
#
_cell.length_a   62.009
_cell.length_b   41.299
_cell.length_c   63.523
_cell.angle_alpha   90.00
_cell.angle_beta   98.44
_cell.angle_gamma   90.00
#
_symmetry.space_group_name_H-M   'P 1 21 1'
#
loop_
_entity.id
_entity.type
_entity.pdbx_description
1 polymer 'Kunitz-type proteinase inhibitor BbCI'
2 non-polymer 'IODIDE ION'
3 water water
#
_entity_poly.entity_id   1
_entity_poly.type   'polypeptide(L)'
_entity_poly.pdbx_seq_one_letter_code
;HMSVILDTKGEPVSNAADAYYLVPVSHGEGGLALAKVGNEAEPKAVVLDPHHRPGLTVRFETPLAIAIITESFFLNIKFV
PSSSDSEVWDVSKQYPIGLAVKVTDTKSFVGPFRVEKEGEGYKIVYYPDRGQTGLDIGLVHRNDKYYLAATEGEPFVFKI
RKATYE
;
_entity_poly.pdbx_strand_id   A,B
#
# COMPACT_ATOMS: atom_id res chain seq x y z
N HIS A 1 11.43 -3.55 3.06
CA HIS A 1 10.52 -4.22 4.02
C HIS A 1 9.42 -4.87 3.22
N MET A 2 9.72 -6.02 2.62
CA MET A 2 8.79 -6.75 1.74
C MET A 2 8.73 -8.28 2.00
N SER A 3 9.33 -8.69 3.12
CA SER A 3 9.47 -10.12 3.46
C SER A 3 8.13 -10.79 3.86
N VAL A 4 7.95 -12.09 3.60
CA VAL A 4 6.82 -12.82 4.19
C VAL A 4 6.94 -12.76 5.70
N ILE A 5 5.82 -12.55 6.38
CA ILE A 5 5.77 -12.46 7.84
C ILE A 5 5.63 -13.89 8.35
N LEU A 6 6.49 -14.23 9.32
CA LEU A 6 6.55 -15.58 9.88
C LEU A 6 6.10 -15.68 11.33
N ASP A 7 5.33 -16.75 11.64
CA ASP A 7 4.96 -17.04 13.03
C ASP A 7 6.12 -17.65 13.78
N THR A 8 5.90 -17.97 15.07
CA THR A 8 7.00 -18.48 15.84
C THR A 8 7.47 -19.94 15.51
N LYS A 9 6.73 -20.64 14.64
CA LYS A 9 7.13 -21.97 14.18
C LYS A 9 7.85 -21.85 12.82
N GLY A 10 7.91 -20.61 12.32
CA GLY A 10 8.74 -20.34 11.12
C GLY A 10 7.93 -20.47 9.85
N GLU A 11 6.61 -20.51 10.05
CA GLU A 11 5.60 -20.59 8.99
C GLU A 11 4.98 -19.25 8.61
N PRO A 12 4.69 -19.06 7.30
CA PRO A 12 4.08 -17.78 6.91
C PRO A 12 2.78 -17.53 7.64
N VAL A 13 2.55 -16.28 8.06
CA VAL A 13 1.27 -15.90 8.64
C VAL A 13 0.18 -15.77 7.59
N SER A 14 -0.98 -16.33 7.90
CA SER A 14 -2.07 -16.32 6.96
C SER A 14 -2.73 -14.99 6.72
N ASN A 15 -3.20 -14.82 5.48
CA ASN A 15 -4.17 -13.77 5.10
C ASN A 15 -5.59 -14.30 5.27
N ALA A 16 -6.35 -13.58 6.09
CA ALA A 16 -7.82 -13.75 6.30
C ALA A 16 -8.17 -15.16 6.71
N ALA A 17 -7.30 -15.75 7.50
CA ALA A 17 -7.50 -17.08 8.03
C ALA A 17 -6.71 -17.28 9.30
N ASP A 18 -7.02 -18.34 10.04
CA ASP A 18 -6.28 -18.69 11.29
C ASP A 18 -6.39 -17.62 12.40
N ALA A 19 -5.62 -17.81 13.49
CA ALA A 19 -5.77 -16.88 14.67
C ALA A 19 -4.39 -16.90 15.26
N TYR A 20 -4.01 -15.76 15.82
CA TYR A 20 -2.64 -15.54 16.30
C TYR A 20 -2.61 -14.77 17.64
N TYR A 21 -1.66 -15.13 18.49
CA TYR A 21 -1.32 -14.32 19.65
C TYR A 21 -0.16 -13.37 19.25
N LEU A 22 -0.15 -12.20 19.88
CA LEU A 22 0.94 -11.25 19.74
C LEU A 22 1.67 -11.25 21.06
N VAL A 23 2.76 -11.98 21.08
CA VAL A 23 3.50 -12.25 22.30
C VAL A 23 4.63 -11.27 22.50
N PRO A 24 4.53 -10.46 23.54
CA PRO A 24 5.49 -9.39 23.77
C PRO A 24 6.93 -9.89 23.79
N VAL A 25 7.82 -9.17 23.12
CA VAL A 25 9.26 -9.29 23.34
C VAL A 25 9.82 -8.04 24.02
N SER A 26 9.40 -6.85 23.61
CA SER A 26 9.97 -5.66 24.24
C SER A 26 9.50 -5.58 25.72
N HIS A 27 8.60 -4.65 25.95
CA HIS A 27 8.05 -4.32 27.24
C HIS A 27 6.61 -4.83 27.16
N GLY A 28 5.86 -4.70 28.25
CA GLY A 28 4.46 -5.08 28.16
C GLY A 28 4.27 -6.51 28.63
N GLU A 29 3.17 -6.70 29.34
CA GLU A 29 2.94 -7.95 30.00
C GLU A 29 1.46 -8.15 29.75
N GLY A 30 1.10 -9.36 29.30
CA GLY A 30 -0.28 -9.81 29.35
C GLY A 30 -0.86 -10.17 27.99
N GLY A 31 -2.10 -10.63 28.01
CA GLY A 31 -2.76 -11.07 26.76
C GLY A 31 -3.52 -9.90 26.19
N LEU A 32 -3.85 -9.98 24.90
CA LEU A 32 -4.66 -8.97 24.27
C LEU A 32 -6.00 -9.00 24.97
N ALA A 33 -6.60 -7.81 25.15
CA ALA A 33 -7.85 -7.66 25.82
C ALA A 33 -8.47 -6.35 25.40
N LEU A 34 -9.77 -6.24 25.64
CA LEU A 34 -10.42 -4.94 25.46
C LEU A 34 -10.59 -4.31 26.83
N ALA A 35 -10.37 -3.00 26.89
CA ALA A 35 -10.50 -2.22 28.13
C ALA A 35 -11.27 -0.91 27.93
N LYS A 36 -11.87 -0.43 28.99
CA LYS A 36 -12.46 0.89 28.94
C LYS A 36 -11.37 1.93 28.91
N VAL A 37 -11.61 3.02 28.21
CA VAL A 37 -10.66 4.10 28.26
C VAL A 37 -11.52 5.32 28.49
N GLY A 38 -11.03 6.15 29.39
CA GLY A 38 -11.67 7.42 29.73
C GLY A 38 -13.08 7.25 30.22
N ASN A 39 -14.03 7.97 29.61
CA ASN A 39 -15.40 7.96 30.12
C ASN A 39 -16.41 7.10 29.35
N GLU A 40 -15.88 6.34 28.38
CA GLU A 40 -16.59 5.22 27.68
C GLU A 40 -17.00 4.12 28.66
N ALA A 41 -18.29 3.75 28.63
CA ALA A 41 -18.90 2.76 29.52
C ALA A 41 -18.61 1.33 29.11
N GLU A 42 -18.37 1.13 27.82
CA GLU A 42 -18.14 -0.22 27.31
C GLU A 42 -16.70 -0.29 26.79
N PRO A 43 -16.00 -1.39 27.12
CA PRO A 43 -14.58 -1.52 26.73
C PRO A 43 -14.28 -1.62 25.20
N LYS A 44 -13.53 -0.65 24.64
CA LYS A 44 -13.25 -0.66 23.19
C LYS A 44 -11.79 -0.45 22.87
N ALA A 45 -10.98 -0.17 23.87
CA ALA A 45 -9.54 0.07 23.63
C ALA A 45 -8.78 -1.24 23.64
N VAL A 46 -7.80 -1.39 22.73
CA VAL A 46 -7.03 -2.66 22.64
C VAL A 46 -5.82 -2.52 23.57
N VAL A 47 -5.69 -3.50 24.46
CA VAL A 47 -4.66 -3.48 25.53
C VAL A 47 -4.00 -4.83 25.67
N LEU A 48 -2.84 -4.82 26.28
CA LEU A 48 -2.28 -6.01 26.92
C LEU A 48 -2.64 -5.96 28.40
N ASP A 49 -3.21 -7.04 28.90
CA ASP A 49 -3.67 -7.05 30.29
C ASP A 49 -3.00 -8.23 30.97
N PRO A 50 -2.08 -7.94 31.91
CA PRO A 50 -1.38 -8.99 32.66
C PRO A 50 -2.30 -10.03 33.29
N HIS A 51 -3.60 -9.71 33.41
CA HIS A 51 -4.55 -10.60 34.12
C HIS A 51 -5.64 -11.19 33.19
N HIS A 52 -5.40 -11.08 31.88
CA HIS A 52 -6.13 -11.86 30.87
C HIS A 52 -5.11 -12.71 30.12
N ARG A 53 -5.14 -14.00 30.43
CA ARG A 53 -4.25 -14.94 29.81
C ARG A 53 -5.15 -16.12 29.55
N PRO A 54 -5.10 -16.67 28.34
CA PRO A 54 -4.23 -16.29 27.19
C PRO A 54 -4.54 -14.97 26.46
N GLY A 55 -5.74 -14.49 26.66
CA GLY A 55 -6.13 -13.25 26.05
C GLY A 55 -6.57 -13.57 24.61
N LEU A 56 -6.83 -12.50 23.87
CA LEU A 56 -7.57 -12.64 22.63
C LEU A 56 -6.63 -12.95 21.50
N THR A 57 -7.18 -13.48 20.39
CA THR A 57 -6.35 -13.78 19.22
C THR A 57 -6.75 -12.89 18.04
N VAL A 58 -5.83 -12.67 17.11
CA VAL A 58 -6.16 -11.80 15.99
C VAL A 58 -6.03 -12.49 14.68
N ARG A 59 -6.63 -11.85 13.64
CA ARG A 59 -6.51 -12.33 12.28
C ARG A 59 -6.10 -11.12 11.46
N PHE A 60 -5.20 -11.33 10.49
CA PHE A 60 -4.76 -10.26 9.59
C PHE A 60 -5.55 -10.34 8.33
N GLU A 61 -5.88 -9.20 7.72
CA GLU A 61 -6.71 -9.30 6.49
C GLU A 61 -6.34 -8.30 5.37
N THR A 62 -6.27 -8.80 4.14
CA THR A 62 -6.20 -7.91 2.97
C THR A 62 -7.01 -8.54 1.86
N PRO A 63 -7.72 -7.73 1.01
CA PRO A 63 -8.38 -8.24 -0.20
C PRO A 63 -7.46 -8.75 -1.30
N LEU A 64 -6.14 -8.63 -1.14
CA LEU A 64 -5.23 -9.17 -2.15
C LEU A 64 -5.44 -10.68 -2.27
N ALA A 65 -5.47 -11.17 -3.50
CA ALA A 65 -5.71 -12.60 -3.77
C ALA A 65 -4.44 -13.41 -3.50
N ILE A 66 -4.21 -13.64 -2.20
CA ILE A 66 -3.02 -14.38 -1.73
C ILE A 66 -3.32 -14.94 -0.36
N ALA A 67 -2.75 -16.10 -0.08
CA ALA A 67 -3.05 -16.81 1.18
C ALA A 67 -2.20 -16.43 2.42
N ILE A 68 -1.18 -15.62 2.21
CA ILE A 68 -0.28 -15.22 3.32
C ILE A 68 -0.04 -13.71 3.31
N ILE A 69 0.54 -13.18 4.40
CA ILE A 69 0.88 -11.75 4.38
C ILE A 69 2.38 -11.48 4.38
N THR A 70 2.71 -10.30 3.90
CA THR A 70 4.11 -9.83 3.88
C THR A 70 4.17 -8.43 4.53
N GLU A 71 5.37 -7.94 4.78
CA GLU A 71 5.58 -6.65 5.42
C GLU A 71 5.15 -5.49 4.51
N SER A 72 4.93 -5.77 3.24
CA SER A 72 4.56 -4.70 2.27
C SER A 72 3.02 -4.44 2.18
N PHE A 73 2.25 -5.40 2.63
CA PHE A 73 0.80 -5.29 2.48
C PHE A 73 0.15 -4.39 3.55
N PHE A 74 -0.89 -3.67 3.13
CA PHE A 74 -1.68 -2.89 4.07
C PHE A 74 -2.87 -3.75 4.54
N LEU A 75 -2.99 -3.85 5.84
CA LEU A 75 -3.87 -4.85 6.49
C LEU A 75 -4.92 -4.23 7.40
N ASN A 76 -6.09 -4.90 7.51
CA ASN A 76 -6.95 -4.78 8.66
C ASN A 76 -6.54 -5.81 9.72
N ILE A 77 -6.73 -5.49 10.97
CA ILE A 77 -6.42 -6.44 12.06
C ILE A 77 -7.79 -6.58 12.75
N LYS A 78 -8.17 -7.79 13.12
CA LYS A 78 -9.39 -7.92 13.89
C LYS A 78 -9.22 -9.08 14.84
N PHE A 79 -10.05 -9.10 15.89
CA PHE A 79 -10.11 -10.24 16.82
C PHE A 79 -10.77 -11.39 16.14
N VAL A 80 -10.36 -12.59 16.54
CA VAL A 80 -11.13 -13.74 16.13
C VAL A 80 -11.42 -14.60 17.30
N PRO A 81 -12.71 -14.85 17.60
CA PRO A 81 -13.87 -14.32 16.96
C PRO A 81 -13.98 -12.79 17.30
N SER A 82 -14.70 -12.03 16.48
CA SER A 82 -15.11 -10.64 16.79
C SER A 82 -16.65 -10.59 16.95
N SER A 83 -17.22 -9.63 17.71
CA SER A 83 -18.67 -9.60 17.99
C SER A 83 -19.47 -9.31 16.75
N SER A 84 -18.87 -8.62 15.79
CA SER A 84 -19.54 -8.45 14.49
C SER A 84 -18.57 -8.66 13.34
N ASP A 85 -19.12 -8.93 12.15
CA ASP A 85 -18.25 -9.27 11.04
C ASP A 85 -17.40 -8.07 10.63
N SER A 86 -17.95 -6.88 10.84
CA SER A 86 -17.26 -5.64 10.38
C SER A 86 -16.24 -5.08 11.36
N GLU A 87 -16.16 -5.67 12.54
CA GLU A 87 -15.31 -5.08 13.59
C GLU A 87 -13.80 -5.23 13.29
N VAL A 88 -13.08 -4.10 13.32
CA VAL A 88 -11.64 -4.11 13.10
C VAL A 88 -10.95 -3.16 14.04
N TRP A 89 -9.62 -3.25 14.07
CA TRP A 89 -8.84 -2.27 14.79
C TRP A 89 -8.75 -0.97 14.02
N ASP A 90 -8.66 0.13 14.75
CA ASP A 90 -8.36 1.43 14.09
C ASP A 90 -7.70 2.30 15.16
N VAL A 91 -7.27 3.49 14.76
CA VAL A 91 -6.57 4.41 15.68
C VAL A 91 -7.36 5.69 15.73
N SER A 92 -7.63 6.17 16.93
CA SER A 92 -8.21 7.51 17.02
C SER A 92 -7.86 8.21 18.34
N LYS A 93 -8.02 9.52 18.36
CA LYS A 93 -7.72 10.33 19.55
C LYS A 93 -8.58 9.90 20.68
N GLN A 94 -7.97 9.48 21.77
CA GLN A 94 -8.75 9.08 22.94
C GLN A 94 -8.07 9.46 24.22
N TYR A 95 -8.57 10.51 24.84
CA TYR A 95 -8.08 10.89 26.14
C TYR A 95 -8.30 9.81 27.22
N PRO A 96 -7.30 9.60 28.12
CA PRO A 96 -6.01 10.28 28.32
C PRO A 96 -4.85 9.55 27.64
N ILE A 97 -5.14 8.61 26.74
CA ILE A 97 -4.13 7.71 26.20
C ILE A 97 -3.36 8.41 25.09
N GLY A 98 -4.07 9.02 24.14
CA GLY A 98 -3.42 9.56 22.97
C GLY A 98 -4.08 8.98 21.75
N LEU A 99 -3.28 8.55 20.81
CA LEU A 99 -3.82 7.98 19.59
C LEU A 99 -4.01 6.46 19.80
N ALA A 100 -5.09 6.11 20.48
CA ALA A 100 -5.33 4.73 20.96
C ALA A 100 -5.82 3.82 19.86
N VAL A 101 -5.35 2.57 19.94
CA VAL A 101 -5.87 1.48 19.14
C VAL A 101 -7.20 1.05 19.73
N LYS A 102 -8.28 1.14 18.95
CA LYS A 102 -9.62 0.76 19.49
C LYS A 102 -10.32 -0.06 18.42
N VAL A 103 -11.39 -0.75 18.82
CA VAL A 103 -12.17 -1.55 17.89
C VAL A 103 -13.26 -0.66 17.33
N THR A 104 -13.59 -0.81 16.06
CA THR A 104 -14.68 -0.02 15.44
C THR A 104 -15.43 -0.93 14.48
N ASP A 105 -16.73 -0.68 14.24
CA ASP A 105 -17.48 -1.39 13.19
C ASP A 105 -17.40 -0.76 11.82
N THR A 106 -16.67 0.35 11.71
CA THR A 106 -16.44 1.02 10.42
C THR A 106 -15.17 0.40 9.87
N LYS A 107 -15.27 -0.25 8.71
CA LYS A 107 -14.12 -0.98 8.20
C LYS A 107 -13.79 -0.45 6.79
N SER A 108 -12.51 -0.22 6.49
CA SER A 108 -12.11 0.24 5.17
C SER A 108 -11.80 -0.99 4.36
N PHE A 109 -11.97 -0.90 3.04
CA PHE A 109 -11.72 -2.09 2.23
C PHE A 109 -10.31 -2.59 2.39
N VAL A 110 -9.37 -1.68 2.25
CA VAL A 110 -7.97 -1.95 2.67
C VAL A 110 -7.62 -1.22 3.98
N GLY A 111 -7.08 -1.98 4.93
CA GLY A 111 -6.80 -1.46 6.27
C GLY A 111 -5.59 -0.55 6.33
N PRO A 112 -5.36 0.06 7.50
CA PRO A 112 -4.26 1.03 7.61
C PRO A 112 -2.96 0.52 8.21
N PHE A 113 -2.82 -0.78 8.44
CA PHE A 113 -1.73 -1.24 9.26
C PHE A 113 -0.73 -1.99 8.39
N ARG A 114 0.53 -1.96 8.79
CA ARG A 114 1.46 -2.96 8.28
C ARG A 114 2.12 -3.66 9.45
N VAL A 115 2.55 -4.89 9.21
CA VAL A 115 3.32 -5.61 10.23
C VAL A 115 4.75 -5.60 9.72
N GLU A 116 5.66 -4.98 10.45
CA GLU A 116 7.04 -4.80 9.94
C GLU A 116 8.08 -5.43 10.89
N LYS A 117 9.11 -6.06 10.35
CA LYS A 117 10.18 -6.66 11.19
C LYS A 117 10.80 -5.61 12.05
N GLU A 118 10.98 -5.90 13.33
CA GLU A 118 11.70 -4.97 14.17
C GLU A 118 12.39 -5.73 15.26
N GLY A 119 13.71 -5.64 15.28
CA GLY A 119 14.45 -6.25 16.36
C GLY A 119 14.27 -7.76 16.35
N GLU A 120 13.98 -8.31 17.53
CA GLU A 120 13.73 -9.76 17.68
C GLU A 120 12.39 -10.21 17.09
N GLY A 121 11.47 -9.29 16.80
CA GLY A 121 10.16 -9.74 16.31
C GLY A 121 9.58 -8.83 15.24
N TYR A 122 8.37 -8.38 15.50
CA TYR A 122 7.59 -7.52 14.61
C TYR A 122 6.95 -6.37 15.41
N LYS A 123 6.62 -5.31 14.73
CA LYS A 123 5.79 -4.22 15.31
C LYS A 123 4.63 -3.97 14.34
N ILE A 124 3.65 -3.27 14.85
CA ILE A 124 2.56 -2.78 13.94
C ILE A 124 2.85 -1.33 13.64
N VAL A 125 2.58 -0.92 12.40
CA VAL A 125 2.79 0.48 12.02
C VAL A 125 1.48 0.96 11.42
N TYR A 126 1.01 2.13 11.84
CA TYR A 126 -0.29 2.68 11.41
C TYR A 126 -0.08 3.82 10.41
N TYR A 127 -0.81 3.75 9.30
CA TYR A 127 -0.64 4.70 8.19
C TYR A 127 -1.93 5.52 8.03
N PRO A 128 -2.03 6.72 8.61
CA PRO A 128 -3.28 7.46 8.26
C PRO A 128 -3.32 7.90 6.76
N ASP A 129 -2.16 8.06 6.16
CA ASP A 129 -2.02 8.39 4.72
C ASP A 129 -1.04 7.39 4.11
N ARG A 130 -1.46 6.58 3.15
CA ARG A 130 -0.58 5.47 2.62
C ARG A 130 0.58 6.01 1.74
N GLY A 131 0.60 7.28 1.40
CA GLY A 131 1.69 7.82 0.60
C GLY A 131 2.71 8.46 1.51
N GLN A 132 2.52 8.27 2.82
CA GLN A 132 3.39 8.90 3.78
C GLN A 132 3.91 7.90 4.79
N THR A 133 4.92 8.31 5.58
CA THR A 133 5.49 7.45 6.67
C THR A 133 4.41 7.18 7.68
N GLY A 134 4.55 6.05 8.38
CA GLY A 134 3.56 5.56 9.37
C GLY A 134 4.01 5.88 10.80
N LEU A 135 3.10 5.63 11.73
CA LEU A 135 3.44 5.82 13.14
C LEU A 135 3.42 4.41 13.75
N ASP A 136 4.52 4.06 14.43
CA ASP A 136 4.55 2.76 15.10
C ASP A 136 3.46 2.71 16.17
N ILE A 137 3.00 1.49 16.42
CA ILE A 137 2.19 1.23 17.63
C ILE A 137 3.13 0.88 18.80
N GLY A 138 3.09 1.66 19.89
CA GLY A 138 3.75 1.27 21.13
C GLY A 138 2.74 1.05 22.25
N LEU A 139 3.21 1.20 23.49
CA LEU A 139 2.32 0.88 24.63
C LEU A 139 2.30 2.03 25.62
N VAL A 140 1.14 2.26 26.23
CA VAL A 140 1.03 3.29 27.27
C VAL A 140 0.55 2.53 28.50
N HIS A 141 1.39 2.51 29.52
CA HIS A 141 1.12 1.75 30.73
C HIS A 141 0.24 2.63 31.60
N ARG A 142 -0.98 2.18 31.86
CA ARG A 142 -1.88 2.90 32.74
C ARG A 142 -2.91 1.91 33.29
N ASN A 143 -3.35 2.10 34.52
CA ASN A 143 -4.39 1.21 35.14
C ASN A 143 -4.01 -0.27 35.14
N ASP A 144 -2.76 -0.59 35.45
CA ASP A 144 -2.23 -1.96 35.41
C ASP A 144 -2.49 -2.66 34.06
N LYS A 145 -2.60 -1.87 32.99
CA LYS A 145 -2.73 -2.40 31.62
C LYS A 145 -1.72 -1.68 30.68
N TYR A 146 -1.57 -2.20 29.47
CA TYR A 146 -0.72 -1.59 28.47
C TYR A 146 -1.61 -1.29 27.26
N TYR A 147 -2.00 -0.01 27.13
CA TYR A 147 -2.80 0.44 26.00
C TYR A 147 -1.98 0.53 24.70
N LEU A 148 -2.40 -0.19 23.65
CA LEU A 148 -1.80 0.03 22.34
C LEU A 148 -2.12 1.43 21.81
N ALA A 149 -1.08 2.16 21.40
CA ALA A 149 -1.33 3.53 20.93
C ALA A 149 -0.23 3.97 19.99
N ALA A 150 -0.55 4.83 19.01
CA ALA A 150 0.50 5.27 18.09
C ALA A 150 1.54 6.05 18.87
N THR A 151 2.81 5.95 18.48
CA THR A 151 3.84 6.68 19.18
C THR A 151 4.90 7.15 18.23
N GLU A 152 5.71 8.07 18.69
CA GLU A 152 6.90 8.53 17.98
C GLU A 152 8.10 7.86 18.61
N GLY A 153 7.88 7.10 19.69
CA GLY A 153 9.04 6.59 20.49
C GLY A 153 9.11 5.07 20.25
N GLU A 154 9.57 4.34 21.27
CA GLU A 154 9.73 2.86 21.21
C GLU A 154 8.45 2.10 20.81
N PRO A 155 8.53 1.21 19.76
CA PRO A 155 7.36 0.43 19.40
C PRO A 155 7.14 -0.76 20.32
N PHE A 156 5.90 -1.27 20.30
CA PHE A 156 5.58 -2.51 20.94
C PHE A 156 6.09 -3.62 20.03
N VAL A 157 6.98 -4.43 20.56
CA VAL A 157 7.55 -5.51 19.70
C VAL A 157 7.08 -6.88 20.21
N PHE A 158 6.70 -7.74 19.27
CA PHE A 158 6.04 -9.02 19.62
C PHE A 158 6.43 -10.09 18.59
N LYS A 159 6.25 -11.32 18.98
CA LYS A 159 6.35 -12.43 18.03
C LYS A 159 4.92 -12.91 17.78
N ILE A 160 4.73 -13.62 16.68
CA ILE A 160 3.38 -13.94 16.24
C ILE A 160 3.22 -15.43 16.48
N ARG A 161 2.36 -15.83 17.42
CA ARG A 161 2.22 -17.26 17.70
C ARG A 161 0.87 -17.79 17.18
N LYS A 162 0.89 -18.82 16.31
CA LYS A 162 -0.37 -19.34 15.81
C LYS A 162 -1.10 -20.02 16.95
N ALA A 163 -2.41 -19.84 17.01
CA ALA A 163 -3.18 -20.44 18.11
C ALA A 163 -3.56 -21.90 17.83
N THR A 164 -3.99 -22.61 18.87
CA THR A 164 -4.61 -23.95 18.75
C THR A 164 -5.28 -24.15 17.40
N MET B 2 -7.66 9.11 -1.61
CA MET B 2 -8.29 7.75 -1.48
C MET B 2 -9.56 7.51 -2.40
N SER B 3 -9.73 8.42 -3.36
CA SER B 3 -10.88 8.51 -4.24
C SER B 3 -10.79 7.55 -5.43
N VAL B 4 -11.93 7.11 -5.91
CA VAL B 4 -12.01 6.34 -7.14
C VAL B 4 -11.44 7.16 -8.29
N ILE B 5 -10.64 6.52 -9.13
CA ILE B 5 -10.00 7.18 -10.31
C ILE B 5 -10.99 7.17 -11.46
N LEU B 6 -11.25 8.34 -12.07
CA LEU B 6 -12.29 8.47 -13.14
C LEU B 6 -11.66 8.75 -14.49
N ASP B 7 -12.19 8.10 -15.53
CA ASP B 7 -11.76 8.38 -16.92
C ASP B 7 -12.38 9.67 -17.43
N THR B 8 -12.06 10.08 -18.67
CA THR B 8 -12.60 11.38 -19.15
C THR B 8 -14.13 11.42 -19.34
N LYS B 9 -14.79 10.25 -19.25
CA LYS B 9 -16.24 10.14 -19.37
C LYS B 9 -16.91 10.20 -18.01
N GLY B 10 -16.09 10.16 -16.95
CA GLY B 10 -16.60 10.19 -15.59
C GLY B 10 -16.81 8.82 -14.99
N GLU B 11 -16.37 7.80 -15.73
CA GLU B 11 -16.49 6.42 -15.30
C GLU B 11 -15.28 5.92 -14.51
N PRO B 12 -15.54 5.09 -13.51
CA PRO B 12 -14.41 4.52 -12.78
C PRO B 12 -13.45 3.75 -13.69
N VAL B 13 -12.16 3.90 -13.43
CA VAL B 13 -11.16 3.21 -14.20
C VAL B 13 -11.03 1.79 -13.69
N SER B 14 -10.96 0.85 -14.63
CA SER B 14 -10.99 -0.55 -14.29
C SER B 14 -9.71 -1.08 -13.67
N ASN B 15 -9.86 -2.03 -12.75
CA ASN B 15 -8.74 -2.91 -12.30
C ASN B 15 -8.67 -4.13 -13.22
N ALA B 16 -7.50 -4.31 -13.82
CA ALA B 16 -7.13 -5.53 -14.56
C ALA B 16 -8.02 -5.79 -15.72
N ALA B 17 -8.51 -4.71 -16.33
CA ALA B 17 -9.41 -4.79 -17.47
C ALA B 17 -9.32 -3.54 -18.25
N ASP B 18 -9.82 -3.60 -19.49
CA ASP B 18 -9.91 -2.45 -20.35
C ASP B 18 -8.54 -1.85 -20.73
N ALA B 19 -8.60 -0.69 -21.39
CA ALA B 19 -7.35 -0.07 -21.89
C ALA B 19 -7.53 1.43 -21.97
N TYR B 20 -6.46 2.17 -21.66
CA TYR B 20 -6.59 3.64 -21.55
C TYR B 20 -5.43 4.35 -22.23
N TYR B 21 -5.73 5.51 -22.84
CA TYR B 21 -4.66 6.48 -23.17
C TYR B 21 -4.40 7.43 -22.00
N LEU B 22 -3.15 7.85 -21.88
CA LEU B 22 -2.76 8.88 -20.91
C LEU B 22 -2.57 10.17 -21.70
N VAL B 23 -3.61 11.01 -21.72
CA VAL B 23 -3.61 12.21 -22.53
C VAL B 23 -2.97 13.34 -21.78
N PRO B 24 -1.87 13.87 -22.33
CA PRO B 24 -1.18 14.92 -21.58
C PRO B 24 -2.04 16.12 -21.33
N VAL B 25 -1.89 16.69 -20.13
CA VAL B 25 -2.46 18.02 -19.89
C VAL B 25 -1.40 19.05 -19.44
N SER B 26 -0.47 18.69 -18.55
CA SER B 26 0.56 19.68 -18.14
C SER B 26 1.44 20.11 -19.33
N HIS B 27 2.06 19.12 -19.95
CA HIS B 27 3.12 19.35 -20.91
C HIS B 27 3.35 17.99 -21.52
N GLY B 28 4.02 17.94 -22.67
CA GLY B 28 4.32 16.67 -23.27
C GLY B 28 3.51 16.49 -24.53
N GLU B 29 4.14 15.86 -25.51
CA GLU B 29 3.54 15.71 -26.83
C GLU B 29 3.79 14.30 -27.35
N GLY B 30 2.74 13.56 -27.65
CA GLY B 30 2.91 12.27 -28.34
C GLY B 30 2.14 11.11 -27.75
N GLY B 31 2.05 10.01 -28.50
CA GLY B 31 1.38 8.80 -27.97
C GLY B 31 2.38 8.08 -27.11
N LEU B 32 1.92 7.20 -26.24
CA LEU B 32 2.86 6.34 -25.55
C LEU B 32 3.59 5.46 -26.57
N ALA B 33 4.90 5.24 -26.34
CA ALA B 33 5.75 4.38 -27.15
C ALA B 33 6.88 3.80 -26.32
N LEU B 34 7.55 2.80 -26.91
CA LEU B 34 8.83 2.36 -26.38
C LEU B 34 10.01 2.90 -27.18
N ALA B 35 11.04 3.31 -26.46
CA ALA B 35 12.16 3.91 -27.13
C ALA B 35 13.43 3.42 -26.50
N LYS B 36 14.46 3.57 -27.29
CA LYS B 36 15.79 3.22 -26.95
C LYS B 36 16.22 4.36 -26.06
N VAL B 37 16.81 3.97 -24.94
CA VAL B 37 17.59 4.83 -24.11
C VAL B 37 19.02 4.39 -24.41
N GLY B 38 19.80 5.41 -24.76
CA GLY B 38 21.20 5.30 -25.17
C GLY B 38 21.57 4.10 -25.99
N ASN B 39 22.49 3.32 -25.41
CA ASN B 39 23.21 2.25 -26.11
C ASN B 39 22.56 0.86 -26.03
N GLU B 40 21.42 0.76 -25.35
CA GLU B 40 20.51 -0.39 -25.48
C GLU B 40 19.97 -0.39 -26.91
N ALA B 41 19.89 -1.57 -27.51
CA ALA B 41 19.49 -1.73 -28.92
C ALA B 41 17.98 -1.96 -29.04
N GLU B 42 17.43 -2.66 -28.05
CA GLU B 42 15.99 -2.90 -27.88
C GLU B 42 15.32 -1.77 -27.07
N PRO B 43 14.33 -1.13 -27.70
CA PRO B 43 13.55 -0.08 -27.06
C PRO B 43 12.73 -0.53 -25.82
N LYS B 44 13.11 -0.09 -24.62
CA LYS B 44 12.42 -0.53 -23.38
C LYS B 44 12.00 0.66 -22.53
N ALA B 45 12.40 1.86 -22.92
CA ALA B 45 12.05 3.08 -22.18
C ALA B 45 10.64 3.56 -22.57
N VAL B 46 9.78 3.93 -21.60
CA VAL B 46 8.40 4.42 -21.88
C VAL B 46 8.42 5.95 -22.10
N VAL B 47 7.95 6.33 -23.27
CA VAL B 47 8.01 7.72 -23.76
C VAL B 47 6.66 8.13 -24.31
N LEU B 48 6.44 9.44 -24.35
CA LEU B 48 5.52 10.02 -25.30
C LEU B 48 6.29 10.40 -26.56
N ASP B 49 5.81 9.98 -27.74
CA ASP B 49 6.57 10.21 -28.96
C ASP B 49 5.63 10.89 -29.93
N PRO B 50 5.91 12.13 -30.31
CA PRO B 50 5.04 12.91 -31.20
C PRO B 50 4.70 12.19 -32.47
N HIS B 51 5.57 11.25 -32.85
CA HIS B 51 5.43 10.53 -34.13
C HIS B 51 4.59 9.25 -34.02
N HIS B 52 4.22 8.89 -32.80
CA HIS B 52 3.41 7.71 -32.57
C HIS B 52 2.01 8.17 -32.17
N ARG B 53 1.03 8.02 -33.05
CA ARG B 53 -0.38 8.37 -32.76
C ARG B 53 -1.30 7.31 -33.32
N PRO B 54 -2.26 6.83 -32.51
CA PRO B 54 -2.61 7.25 -31.16
C PRO B 54 -1.62 6.75 -30.11
N GLY B 55 -0.78 5.81 -30.50
CA GLY B 55 0.19 5.29 -29.52
C GLY B 55 -0.40 4.12 -28.75
N LEU B 56 0.38 3.64 -27.78
CA LEU B 56 -0.03 2.46 -27.01
C LEU B 56 -1.03 2.80 -25.94
N THR B 57 -1.70 1.78 -25.44
CA THR B 57 -2.66 1.94 -24.34
C THR B 57 -2.22 1.16 -23.13
N VAL B 58 -2.70 1.54 -21.94
CA VAL B 58 -2.32 0.88 -20.68
C VAL B 58 -3.45 0.25 -19.94
N ARG B 59 -3.07 -0.65 -19.01
CA ARG B 59 -4.01 -1.28 -18.10
C ARG B 59 -3.40 -1.15 -16.73
N PHE B 60 -4.26 -0.96 -15.72
CA PHE B 60 -3.81 -0.78 -14.34
C PHE B 60 -4.14 -2.09 -13.62
N GLU B 61 -3.26 -2.55 -12.78
CA GLU B 61 -3.55 -3.81 -12.07
C GLU B 61 -3.22 -3.90 -10.57
N THR B 62 -4.14 -4.49 -9.83
CA THR B 62 -3.80 -4.88 -8.45
C THR B 62 -4.49 -6.20 -8.16
N PRO B 63 -3.87 -7.06 -7.31
CA PRO B 63 -4.56 -8.32 -6.93
C PRO B 63 -5.72 -8.14 -5.95
N LEU B 64 -6.01 -6.90 -5.52
CA LEU B 64 -7.15 -6.63 -4.63
C LEU B 64 -8.38 -7.07 -5.36
N ALA B 65 -9.27 -7.76 -4.65
CA ALA B 65 -10.52 -8.29 -5.21
C ALA B 65 -11.55 -7.18 -5.39
N ILE B 66 -11.38 -6.39 -6.46
CA ILE B 66 -12.25 -5.22 -6.73
C ILE B 66 -12.10 -4.91 -8.22
N ALA B 67 -13.19 -4.45 -8.83
CA ALA B 67 -13.21 -4.21 -10.26
C ALA B 67 -12.66 -2.87 -10.73
N ILE B 68 -12.40 -1.97 -9.78
CA ILE B 68 -12.00 -0.58 -10.14
C ILE B 68 -10.80 -0.11 -9.31
N ILE B 69 -10.13 0.97 -9.71
CA ILE B 69 -8.97 1.42 -8.93
C ILE B 69 -9.25 2.74 -8.21
N THR B 70 -8.54 2.96 -7.09
CA THR B 70 -8.66 4.24 -6.38
C THR B 70 -7.21 4.79 -6.20
N GLU B 71 -7.14 6.02 -5.75
CA GLU B 71 -5.84 6.67 -5.52
C GLU B 71 -5.05 6.02 -4.37
N SER B 72 -5.69 5.22 -3.56
CA SER B 72 -4.92 4.58 -2.46
C SER B 72 -4.25 3.23 -2.81
N PHE B 73 -4.64 2.62 -3.91
CA PHE B 73 -4.11 1.29 -4.27
C PHE B 73 -2.73 1.36 -4.90
N PHE B 74 -1.89 0.36 -4.59
CA PHE B 74 -0.58 0.25 -5.25
C PHE B 74 -0.74 -0.65 -6.46
N LEU B 75 -0.32 -0.11 -7.59
CA LEU B 75 -0.65 -0.69 -8.89
C LEU B 75 0.59 -1.16 -9.68
N ASN B 76 0.44 -2.22 -10.51
CA ASN B 76 1.29 -2.35 -11.68
C ASN B 76 0.64 -1.63 -12.88
N ILE B 77 1.44 -1.21 -13.86
CA ILE B 77 0.92 -0.53 -15.08
C ILE B 77 1.56 -1.37 -16.19
N LYS B 78 0.77 -1.65 -17.23
CA LYS B 78 1.35 -2.40 -18.32
C LYS B 78 0.63 -2.01 -19.58
N PHE B 79 1.28 -2.25 -20.71
CA PHE B 79 0.62 -2.06 -22.00
C PHE B 79 -0.38 -3.13 -22.34
N VAL B 80 -1.38 -2.70 -23.15
CA VAL B 80 -2.41 -3.60 -23.69
C VAL B 80 -2.38 -3.70 -25.19
N PRO B 81 -1.99 -4.84 -25.76
CA PRO B 81 -1.45 -6.01 -25.15
C PRO B 81 0.01 -5.73 -24.78
N SER B 82 0.63 -6.63 -24.01
CA SER B 82 2.03 -6.52 -23.64
C SER B 82 2.71 -7.70 -24.28
N SER B 83 4.01 -7.60 -24.60
CA SER B 83 4.67 -8.63 -25.42
C SER B 83 4.72 -9.97 -24.69
N SER B 84 4.72 -9.89 -23.37
CA SER B 84 4.63 -11.10 -22.48
C SER B 84 3.64 -10.83 -21.33
N ASP B 85 3.11 -11.91 -20.73
CA ASP B 85 2.07 -11.76 -19.68
C ASP B 85 2.65 -11.04 -18.48
N SER B 86 3.96 -11.24 -18.25
CA SER B 86 4.65 -10.65 -17.03
C SER B 86 5.21 -9.26 -17.22
N GLU B 87 5.11 -8.70 -18.44
CA GLU B 87 5.77 -7.40 -18.70
C GLU B 87 4.98 -6.24 -18.06
N VAL B 88 5.68 -5.42 -17.23
CA VAL B 88 5.07 -4.26 -16.52
C VAL B 88 6.02 -3.09 -16.52
N TRP B 89 5.53 -1.92 -16.12
CA TRP B 89 6.40 -0.72 -16.04
C TRP B 89 7.18 -0.85 -14.74
N ASP B 90 8.41 -0.33 -14.76
CA ASP B 90 9.17 -0.23 -13.50
C ASP B 90 10.04 1.01 -13.60
N VAL B 91 10.70 1.39 -12.51
CA VAL B 91 11.61 2.57 -12.56
C VAL B 91 13.01 2.10 -12.28
N SER B 92 13.99 2.49 -13.10
CA SER B 92 15.36 2.16 -12.78
C SER B 92 16.33 3.17 -13.37
N LYS B 93 17.53 3.22 -12.79
CA LYS B 93 18.53 4.23 -13.19
C LYS B 93 18.98 3.92 -14.60
N GLN B 94 18.87 4.88 -15.49
CA GLN B 94 19.24 4.66 -16.89
C GLN B 94 19.78 5.96 -17.44
N TYR B 95 21.11 6.04 -17.47
CA TYR B 95 21.78 7.20 -18.05
C TYR B 95 21.43 7.26 -19.54
N PRO B 96 21.22 8.47 -20.10
CA PRO B 96 21.31 9.83 -19.55
C PRO B 96 19.96 10.41 -19.05
N ILE B 97 18.96 9.58 -18.88
CA ILE B 97 17.65 10.11 -18.57
C ILE B 97 17.60 10.35 -17.07
N GLY B 98 18.05 9.39 -16.28
CA GLY B 98 17.81 9.48 -14.85
C GLY B 98 17.05 8.24 -14.41
N LEU B 99 16.08 8.39 -13.55
CA LEU B 99 15.33 7.21 -13.08
C LEU B 99 14.18 7.03 -14.07
N ALA B 100 14.46 6.30 -15.12
CA ALA B 100 13.48 6.16 -16.22
C ALA B 100 12.47 5.09 -15.97
N VAL B 101 11.28 5.33 -16.45
CA VAL B 101 10.21 4.34 -16.60
C VAL B 101 10.63 3.45 -17.74
N LYS B 102 10.70 2.15 -17.48
CA LYS B 102 11.00 1.16 -18.53
C LYS B 102 10.07 -0.07 -18.35
N VAL B 103 9.89 -0.84 -19.40
CA VAL B 103 9.20 -2.10 -19.29
C VAL B 103 10.18 -3.18 -18.83
N THR B 104 9.73 -4.15 -18.00
CA THR B 104 10.61 -5.26 -17.56
C THR B 104 9.72 -6.52 -17.43
N ASP B 105 10.28 -7.72 -17.60
CA ASP B 105 9.55 -8.99 -17.34
C ASP B 105 9.58 -9.38 -15.89
N THR B 106 10.30 -8.66 -15.04
CA THR B 106 10.24 -9.00 -13.61
C THR B 106 9.11 -8.16 -13.00
N LYS B 107 8.17 -8.85 -12.36
CA LYS B 107 6.94 -8.15 -11.92
C LYS B 107 6.70 -8.53 -10.47
N SER B 108 6.41 -7.54 -9.62
CA SER B 108 6.18 -7.89 -8.20
C SER B 108 4.68 -8.16 -8.13
N PHE B 109 4.26 -8.94 -7.15
CA PHE B 109 2.82 -9.23 -6.97
C PHE B 109 1.93 -7.97 -6.90
N VAL B 110 2.37 -7.04 -6.07
CA VAL B 110 1.78 -5.68 -5.96
C VAL B 110 2.80 -4.72 -6.52
N GLY B 111 2.36 -3.90 -7.47
CA GLY B 111 3.33 -2.98 -8.16
C GLY B 111 3.59 -1.71 -7.30
N PRO B 112 4.50 -0.87 -7.81
CA PRO B 112 5.03 0.23 -7.04
C PRO B 112 4.34 1.59 -7.33
N PHE B 113 3.33 1.61 -8.21
CA PHE B 113 2.74 2.89 -8.65
C PHE B 113 1.43 3.25 -7.94
N ARG B 114 1.16 4.54 -7.77
CA ARG B 114 -0.19 5.01 -7.45
C ARG B 114 -0.54 6.06 -8.47
N VAL B 115 -1.85 6.20 -8.71
CA VAL B 115 -2.41 7.22 -9.63
C VAL B 115 -3.13 8.18 -8.72
N GLU B 116 -2.67 9.43 -8.71
CA GLU B 116 -3.11 10.41 -7.71
C GLU B 116 -3.59 11.64 -8.46
N LYS B 117 -4.68 12.17 -7.95
CA LYS B 117 -5.31 13.37 -8.55
C LYS B 117 -4.34 14.49 -8.45
N GLU B 118 -4.20 15.29 -9.52
CA GLU B 118 -3.35 16.48 -9.47
C GLU B 118 -3.73 17.44 -10.56
N GLY B 119 -4.03 18.68 -10.20
CA GLY B 119 -4.25 19.71 -11.21
C GLY B 119 -5.49 19.33 -12.00
N GLU B 120 -5.40 19.42 -13.33
CA GLU B 120 -6.55 19.14 -14.20
C GLU B 120 -6.73 17.65 -14.51
N GLY B 121 -5.93 16.79 -13.88
CA GLY B 121 -5.98 15.36 -14.22
C GLY B 121 -5.39 14.51 -13.11
N TYR B 122 -4.50 13.60 -13.50
CA TYR B 122 -3.84 12.65 -12.59
C TYR B 122 -2.34 12.65 -12.82
N LYS B 123 -1.58 12.22 -11.83
CA LYS B 123 -0.19 11.89 -12.07
C LYS B 123 0.11 10.49 -11.66
N ILE B 124 1.23 9.97 -12.14
CA ILE B 124 1.70 8.69 -11.52
C ILE B 124 2.73 8.97 -10.47
N VAL B 125 2.74 8.20 -9.36
CA VAL B 125 3.73 8.35 -8.30
C VAL B 125 4.40 7.00 -8.10
N TYR B 126 5.72 6.97 -8.00
CA TYR B 126 6.49 5.71 -7.90
C TYR B 126 7.02 5.56 -6.50
N TYR B 127 6.84 4.35 -5.89
CA TYR B 127 7.21 4.15 -4.49
C TYR B 127 8.33 3.11 -4.39
N PRO B 128 9.61 3.54 -4.29
CA PRO B 128 10.72 2.60 -4.10
C PRO B 128 10.37 1.81 -2.83
N ASP B 129 9.69 2.46 -1.90
CA ASP B 129 9.20 1.73 -0.73
C ASP B 129 7.91 2.27 -0.13
N ARG B 130 6.99 1.34 0.17
CA ARG B 130 5.55 1.69 0.32
C ARG B 130 5.30 2.37 1.67
N GLY B 131 6.31 2.42 2.51
CA GLY B 131 6.18 3.03 3.83
C GLY B 131 6.75 4.43 3.82
N GLN B 132 7.17 4.91 2.63
CA GLN B 132 7.79 6.22 2.56
C GLN B 132 7.16 6.98 1.41
N THR B 133 7.46 8.29 1.33
CA THR B 133 6.95 9.21 0.28
C THR B 133 7.43 8.72 -1.05
N GLY B 134 6.66 9.06 -2.12
CA GLY B 134 6.82 8.51 -3.47
C GLY B 134 7.50 9.59 -4.31
N LEU B 135 7.96 9.21 -5.49
CA LEU B 135 8.54 10.22 -6.39
C LEU B 135 7.59 10.37 -7.56
N ASP B 136 7.15 11.58 -7.87
CA ASP B 136 6.29 11.76 -9.05
C ASP B 136 6.96 11.36 -10.34
N ILE B 137 6.12 10.94 -11.31
CA ILE B 137 6.70 10.67 -12.59
C ILE B 137 6.56 11.98 -13.38
N GLY B 138 7.67 12.52 -13.88
CA GLY B 138 7.60 13.64 -14.87
C GLY B 138 8.16 13.24 -16.23
N LEU B 139 8.56 14.26 -17.05
CA LEU B 139 8.96 13.98 -18.40
C LEU B 139 10.39 14.53 -18.61
N VAL B 140 11.22 13.82 -19.40
CA VAL B 140 12.53 14.40 -19.76
C VAL B 140 12.52 14.51 -21.29
N HIS B 141 12.64 15.72 -21.80
CA HIS B 141 12.59 16.00 -23.24
C HIS B 141 13.94 15.70 -23.85
N ARG B 142 14.03 14.67 -24.71
CA ARG B 142 15.34 14.34 -25.28
C ARG B 142 15.09 13.51 -26.53
N ASN B 143 15.99 13.59 -27.49
CA ASN B 143 15.85 12.87 -28.77
C ASN B 143 14.43 13.05 -29.35
N ASP B 144 13.85 14.24 -29.24
CA ASP B 144 12.56 14.54 -29.90
C ASP B 144 11.43 13.71 -29.31
N LYS B 145 11.60 13.25 -28.06
CA LYS B 145 10.58 12.43 -27.37
C LYS B 145 10.51 12.87 -25.93
N TYR B 146 9.53 12.34 -25.17
CA TYR B 146 9.38 12.74 -23.79
C TYR B 146 9.49 11.48 -22.95
N TYR B 147 10.64 11.27 -22.35
CA TYR B 147 10.86 10.08 -21.53
C TYR B 147 10.20 10.21 -20.15
N LEU B 148 9.27 9.30 -19.81
CA LEU B 148 8.77 9.25 -18.41
C LEU B 148 9.90 8.89 -17.46
N ALA B 149 10.05 9.68 -16.37
CA ALA B 149 11.12 9.41 -15.44
C ALA B 149 10.72 9.99 -14.10
N ALA B 150 11.26 9.40 -13.03
CA ALA B 150 10.98 9.94 -11.72
C ALA B 150 11.52 11.37 -11.65
N THR B 151 10.86 12.23 -10.90
CA THR B 151 11.30 13.56 -10.69
C THR B 151 11.06 14.14 -9.32
N GLU B 152 11.82 15.16 -8.97
CA GLU B 152 11.48 15.97 -7.77
C GLU B 152 10.72 17.23 -8.18
N GLY B 153 10.62 17.44 -9.48
CA GLY B 153 10.01 18.64 -10.04
C GLY B 153 8.55 18.41 -10.44
N GLU B 154 8.08 19.22 -11.39
CA GLU B 154 6.69 19.09 -11.81
C GLU B 154 6.37 17.76 -12.44
N PRO B 155 5.25 17.19 -12.03
CA PRO B 155 4.83 15.92 -12.55
C PRO B 155 4.25 16.00 -13.93
N PHE B 156 4.26 14.84 -14.61
CA PHE B 156 3.53 14.69 -15.90
C PHE B 156 2.07 14.53 -15.53
N VAL B 157 1.23 15.45 -15.96
CA VAL B 157 -0.22 15.37 -15.56
C VAL B 157 -1.04 15.03 -16.80
N PHE B 158 -1.97 14.07 -16.68
CA PHE B 158 -2.73 13.57 -17.83
C PHE B 158 -4.19 13.29 -17.45
N LYS B 159 -5.02 13.21 -18.46
CA LYS B 159 -6.37 12.64 -18.26
C LYS B 159 -6.34 11.19 -18.74
N ILE B 160 -7.31 10.39 -18.29
CA ILE B 160 -7.24 8.95 -18.58
C ILE B 160 -8.35 8.70 -19.52
N ARG B 161 -8.07 8.43 -20.79
CA ARG B 161 -9.21 8.31 -21.74
C ARG B 161 -9.40 6.85 -22.12
N LYS B 162 -10.63 6.32 -21.99
CA LYS B 162 -10.83 4.92 -22.31
C LYS B 162 -10.69 4.76 -23.82
N ALA B 163 -10.02 3.70 -24.21
CA ALA B 163 -9.84 3.37 -25.61
C ALA B 163 -11.15 2.73 -26.07
N THR B 164 -11.54 3.00 -27.30
CA THR B 164 -12.68 2.33 -27.90
C THR B 164 -12.31 2.01 -29.34
#